data_6BG9
#
_entry.id   6BG9
#
_cell.length_a   1.000
_cell.length_b   1.000
_cell.length_c   1.000
_cell.angle_alpha   90.00
_cell.angle_beta   90.00
_cell.angle_gamma   90.00
#
_symmetry.space_group_name_H-M   'P 1'
#
_entity_poly.entity_id   1
_entity_poly.type   'polyribonucleotide'
_entity_poly.pdbx_seq_one_letter_code
;GGCAGGACUCGGCUUGCUGAAGCGCGCACGGCAAGAGGCGAGGGGCC
;
_entity_poly.pdbx_strand_id   A,B
#